data_1KJM
#
_entry.id   1KJM
#
_cell.length_a   110.049
_cell.length_b   109.566
_cell.length_c   45.300
_cell.angle_alpha   90.00
_cell.angle_beta   90.00
_cell.angle_gamma   90.00
#
_symmetry.space_group_name_H-M   'P 21 21 2'
#
loop_
_entity.id
_entity.type
_entity.pdbx_description
1 polymer 'RT1 class I histocompatibility antigen, AA alpha chain, heavy chain'
2 polymer beta-2-Microglobulin
3 polymer 'B6 Peptide'
4 non-polymer 'SULFATE ION'
5 water water
#
loop_
_entity_poly.entity_id
_entity_poly.type
_entity_poly.pdbx_seq_one_letter_code
_entity_poly.pdbx_strand_id
1 'polypeptide(L)'
;GSHSLRYFYTAVSRPGLGEPRFIAVGYVDDTEFVRFDSDAENPRMEPRARWMEREGPEYWEQQTRIAKEWEQIYRVDLRT
LRGYYNQSEGGSHTIQEMYGCDVGSDGSLLRGYRQDAYDGRDYIALNEDLKTWTAADFAAQITRNKWERARYAERLRAYL
EGTCVEWLSRYLELGKETLLRSDPPEAHVTLHPRPEGDVTLRCWALGFYPADITLTWQLNGEDLTQDMELVETRPAGDGT
FQKWASVVVPLGKEQNYTCRVEHEGLPKPLSQRWEPLLEHHHHHH
;
A
2 'polypeptide(L)'
;MIQKTPQIQVYSRHPPENGKPNFLNCYVSQFHPPQIEIELLKNGKKIPNIEMSDLSFSKDWSFYILAHTEFTPTETDVYA
CRVKHVTLKEPKTVTWDRDM
;
B
3 'polypeptide(L)' AQFSASASR P
#
# COMPACT_ATOMS: atom_id res chain seq x y z
N GLY A 1 7.82 -14.47 -13.03
CA GLY A 1 7.00 -15.66 -13.41
C GLY A 1 5.68 -15.64 -12.69
N SER A 2 5.29 -14.47 -12.21
CA SER A 2 4.01 -14.28 -11.59
C SER A 2 3.55 -12.83 -11.57
N HIS A 3 2.32 -12.60 -11.99
CA HIS A 3 1.75 -11.27 -11.96
C HIS A 3 0.36 -11.35 -11.38
N SER A 4 -0.29 -10.21 -11.16
CA SER A 4 -1.64 -10.21 -10.65
C SER A 4 -2.40 -8.93 -10.94
N LEU A 5 -3.72 -9.06 -10.90
CA LEU A 5 -4.63 -7.95 -11.05
C LEU A 5 -5.51 -7.93 -9.82
N ARG A 6 -5.64 -6.79 -9.16
CA ARG A 6 -6.48 -6.70 -7.96
C ARG A 6 -7.31 -5.43 -7.98
N TYR A 7 -8.50 -5.49 -7.40
CA TYR A 7 -9.36 -4.34 -7.25
C TYR A 7 -9.66 -4.20 -5.77
N PHE A 8 -9.49 -3.00 -5.24
CA PHE A 8 -9.73 -2.70 -3.83
C PHE A 8 -10.87 -1.70 -3.78
N TYR A 9 -11.92 -2.01 -3.02
CA TYR A 9 -13.04 -1.08 -2.81
C TYR A 9 -13.11 -0.69 -1.35
N THR A 10 -13.58 0.51 -1.08
CA THR A 10 -13.74 0.94 0.29
C THR A 10 -14.92 1.88 0.35
N ALA A 11 -15.71 1.75 1.40
CA ALA A 11 -16.84 2.65 1.62
C ALA A 11 -16.82 3.01 3.08
N VAL A 12 -16.92 4.31 3.37
CA VAL A 12 -16.91 4.82 4.73
C VAL A 12 -18.17 5.66 4.94
N SER A 13 -18.98 5.31 5.94
CA SER A 13 -20.20 6.07 6.23
C SER A 13 -19.93 7.45 6.88
N ARG A 14 -20.79 8.43 6.61
CA ARG A 14 -20.60 9.80 7.12
C ARG A 14 -21.79 10.28 7.96
N PRO A 15 -21.90 9.76 9.18
CA PRO A 15 -22.99 10.11 10.08
C PRO A 15 -23.46 11.56 10.00
N GLY A 16 -24.77 11.67 9.78
CA GLY A 16 -25.45 12.95 9.64
C GLY A 16 -25.14 13.77 8.40
N LEU A 17 -24.27 13.28 7.52
CA LEU A 17 -23.82 14.07 6.38
C LEU A 17 -24.18 13.53 5.01
N GLY A 18 -25.07 12.55 4.94
CA GLY A 18 -25.42 11.99 3.66
C GLY A 18 -24.73 10.67 3.33
N GLU A 19 -24.34 10.55 2.07
CA GLU A 19 -23.82 9.31 1.53
C GLU A 19 -22.38 9.02 1.86
N PRO A 20 -22.07 7.73 1.94
CA PRO A 20 -20.71 7.26 2.17
C PRO A 20 -19.81 7.65 1.07
N ARG A 21 -18.54 7.83 1.42
CA ARG A 21 -17.54 8.10 0.42
C ARG A 21 -17.17 6.73 -0.09
N PHE A 22 -17.07 6.60 -1.40
CA PHE A 22 -16.69 5.33 -1.98
C PHE A 22 -15.52 5.47 -2.93
N ILE A 23 -14.54 4.59 -2.77
CA ILE A 23 -13.35 4.58 -3.59
C ILE A 23 -13.02 3.21 -4.14
N ALA A 24 -12.74 3.14 -5.43
CA ALA A 24 -12.31 1.90 -6.06
C ALA A 24 -10.94 2.15 -6.68
N VAL A 25 -10.04 1.19 -6.54
CA VAL A 25 -8.69 1.33 -7.08
C VAL A 25 -8.30 0.01 -7.70
N GLY A 26 -7.52 0.08 -8.77
CA GLY A 26 -7.11 -1.12 -9.46
C GLY A 26 -5.61 -1.19 -9.50
N TYR A 27 -5.05 -2.39 -9.37
CA TYR A 27 -3.60 -2.54 -9.43
C TYR A 27 -3.20 -3.69 -10.34
N VAL A 28 -2.07 -3.51 -10.99
CA VAL A 28 -1.43 -4.53 -11.80
C VAL A 28 -0.13 -4.67 -11.06
N ASP A 29 -0.03 -5.76 -10.30
CA ASP A 29 1.10 -5.95 -9.40
C ASP A 29 0.93 -4.84 -8.37
N ASP A 30 1.94 -4.02 -8.16
CA ASP A 30 1.81 -2.94 -7.19
C ASP A 30 1.56 -1.57 -7.82
N THR A 31 1.22 -1.54 -9.11
CA THR A 31 1.01 -0.28 -9.79
C THR A 31 -0.46 0.08 -9.97
N GLU A 32 -0.90 1.15 -9.31
CA GLU A 32 -2.26 1.64 -9.46
C GLU A 32 -2.43 2.02 -10.93
N PHE A 33 -3.53 1.61 -11.56
CA PHE A 33 -3.75 1.94 -12.97
C PHE A 33 -5.09 2.63 -13.21
N VAL A 34 -6.08 2.32 -12.38
CA VAL A 34 -7.39 2.94 -12.49
C VAL A 34 -7.83 3.34 -11.11
N ARG A 35 -8.60 4.41 -11.02
CA ARG A 35 -9.10 4.82 -9.72
C ARG A 35 -10.40 5.60 -9.79
N PHE A 36 -11.31 5.28 -8.86
CA PHE A 36 -12.60 5.97 -8.75
C PHE A 36 -12.78 6.51 -7.34
N ASP A 37 -13.24 7.77 -7.25
CA ASP A 37 -13.47 8.41 -5.96
C ASP A 37 -14.72 9.30 -5.96
N SER A 38 -15.71 8.89 -5.16
CA SER A 38 -16.99 9.59 -5.09
C SER A 38 -16.90 10.96 -4.42
N ASP A 39 -15.70 11.41 -4.12
CA ASP A 39 -15.52 12.72 -3.51
C ASP A 39 -15.22 13.66 -4.66
N ALA A 40 -15.02 13.05 -5.82
CA ALA A 40 -14.64 13.76 -7.01
C ALA A 40 -15.66 14.77 -7.49
N GLU A 41 -15.21 15.49 -8.51
CA GLU A 41 -15.96 16.49 -9.21
C GLU A 41 -17.13 15.82 -9.91
N ASN A 42 -16.77 14.95 -10.83
CA ASN A 42 -17.70 14.17 -11.60
C ASN A 42 -17.14 12.78 -11.51
N PRO A 43 -17.50 12.04 -10.46
CA PRO A 43 -16.98 10.69 -10.28
C PRO A 43 -16.96 9.89 -11.56
N ARG A 44 -15.77 9.50 -11.95
CA ARG A 44 -15.56 8.71 -13.14
C ARG A 44 -14.35 7.83 -12.89
N MET A 45 -14.33 6.64 -13.49
CA MET A 45 -13.16 5.80 -13.37
C MET A 45 -12.13 6.49 -14.22
N GLU A 46 -10.95 6.76 -13.68
CA GLU A 46 -9.91 7.46 -14.42
C GLU A 46 -8.60 6.67 -14.43
N PRO A 47 -7.76 6.92 -15.43
CA PRO A 47 -6.48 6.21 -15.51
C PRO A 47 -5.47 6.76 -14.51
N ARG A 48 -4.49 5.96 -14.13
CA ARG A 48 -3.52 6.38 -13.13
C ARG A 48 -2.11 5.99 -13.53
N ALA A 49 -1.98 5.59 -14.80
CA ALA A 49 -0.70 5.25 -15.44
C ALA A 49 -0.84 5.73 -16.87
N ARG A 50 0.24 6.22 -17.46
CA ARG A 50 0.21 6.70 -18.83
C ARG A 50 -0.34 5.65 -19.78
N TRP A 51 0.07 4.40 -19.62
CA TRP A 51 -0.36 3.34 -20.53
C TRP A 51 -1.85 3.03 -20.52
N MET A 52 -2.64 3.75 -19.72
CA MET A 52 -4.09 3.51 -19.64
C MET A 52 -4.92 4.48 -20.49
N GLU A 53 -4.32 5.58 -20.94
CA GLU A 53 -5.06 6.56 -21.75
C GLU A 53 -5.22 6.05 -23.17
N ARG A 54 -5.21 4.74 -23.31
CA ARG A 54 -5.28 4.14 -24.62
C ARG A 54 -6.58 3.44 -24.78
N GLU A 55 -7.01 2.83 -23.68
CA GLU A 55 -8.29 2.19 -23.65
C GLU A 55 -9.27 3.20 -24.22
N GLY A 56 -10.27 2.71 -24.94
CA GLY A 56 -11.28 3.58 -25.51
C GLY A 56 -12.28 4.12 -24.50
N PRO A 57 -13.00 5.15 -24.91
CA PRO A 57 -14.12 5.73 -24.16
C PRO A 57 -15.11 4.70 -23.70
N GLU A 58 -15.27 3.67 -24.52
CA GLU A 58 -16.15 2.57 -24.19
C GLU A 58 -15.64 1.91 -22.91
N TYR A 59 -14.32 1.85 -22.73
CA TYR A 59 -13.74 1.24 -21.54
C TYR A 59 -14.10 2.06 -20.30
N TRP A 60 -13.83 3.36 -20.38
CA TRP A 60 -14.09 4.27 -19.27
C TRP A 60 -15.55 4.37 -18.91
N GLU A 61 -16.40 4.40 -19.93
CA GLU A 61 -17.83 4.49 -19.74
C GLU A 61 -18.27 3.23 -19.02
N GLN A 62 -17.81 2.07 -19.49
CA GLN A 62 -18.18 0.81 -18.90
C GLN A 62 -17.64 0.68 -17.49
N GLN A 63 -16.34 0.90 -17.32
CA GLN A 63 -15.74 0.75 -15.99
C GLN A 63 -16.32 1.74 -15.00
N THR A 64 -16.68 2.94 -15.46
CA THR A 64 -17.28 3.92 -14.55
C THR A 64 -18.63 3.44 -14.01
N ARG A 65 -19.34 2.68 -14.83
CA ARG A 65 -20.67 2.21 -14.47
C ARG A 65 -20.58 1.14 -13.43
N ILE A 66 -19.75 0.15 -13.70
CA ILE A 66 -19.56 -0.94 -12.79
C ILE A 66 -19.11 -0.40 -11.45
N ALA A 67 -18.35 0.69 -11.47
CA ALA A 67 -17.91 1.30 -10.23
C ALA A 67 -19.13 1.92 -9.56
N LYS A 68 -19.82 2.79 -10.27
CA LYS A 68 -21.02 3.37 -9.70
C LYS A 68 -21.97 2.28 -9.25
N GLU A 69 -21.96 1.15 -9.94
CA GLU A 69 -22.84 0.07 -9.56
C GLU A 69 -22.41 -0.43 -8.19
N TRP A 70 -21.13 -0.74 -8.04
CA TRP A 70 -20.57 -1.15 -6.75
C TRP A 70 -20.82 -0.11 -5.63
N GLU A 71 -20.66 1.17 -5.95
CA GLU A 71 -20.92 2.22 -4.98
C GLU A 71 -22.31 2.12 -4.35
N GLN A 72 -23.31 1.71 -5.10
CA GLN A 72 -24.68 1.60 -4.56
C GLN A 72 -24.74 0.31 -3.75
N ILE A 73 -24.06 -0.71 -4.22
CA ILE A 73 -24.02 -1.95 -3.50
C ILE A 73 -23.45 -1.70 -2.11
N TYR A 74 -22.34 -0.96 -2.02
CA TYR A 74 -21.72 -0.72 -0.71
C TYR A 74 -22.51 0.25 0.15
N ARG A 75 -23.26 1.16 -0.48
CA ARG A 75 -24.10 2.08 0.25
C ARG A 75 -25.16 1.32 1.04
N VAL A 76 -25.68 0.25 0.46
CA VAL A 76 -26.68 -0.56 1.11
C VAL A 76 -26.02 -1.55 2.10
N ASP A 77 -24.92 -2.19 1.69
CA ASP A 77 -24.20 -3.09 2.57
C ASP A 77 -23.92 -2.41 3.91
N LEU A 78 -23.37 -1.21 3.86
CA LEU A 78 -23.14 -0.45 5.08
C LEU A 78 -24.35 -0.48 5.99
N ARG A 79 -25.55 -0.36 5.41
CA ARG A 79 -26.80 -0.36 6.19
C ARG A 79 -27.14 -1.74 6.75
N THR A 80 -26.93 -2.76 5.92
CA THR A 80 -27.20 -4.12 6.29
C THR A 80 -26.31 -4.51 7.47
N LEU A 81 -25.00 -4.36 7.30
CA LEU A 81 -24.08 -4.74 8.37
C LEU A 81 -24.43 -4.01 9.66
N ARG A 82 -24.82 -2.74 9.54
CA ARG A 82 -25.24 -1.95 10.70
C ARG A 82 -26.46 -2.58 11.37
N GLY A 83 -27.26 -3.29 10.58
CA GLY A 83 -28.42 -3.97 11.12
C GLY A 83 -28.00 -5.28 11.77
N TYR A 84 -27.05 -5.96 11.12
CA TYR A 84 -26.52 -7.23 11.58
C TYR A 84 -25.93 -7.14 12.98
N TYR A 85 -25.17 -6.09 13.23
CA TYR A 85 -24.57 -5.93 14.55
C TYR A 85 -25.31 -4.94 15.43
N ASN A 86 -26.50 -4.54 14.99
CA ASN A 86 -27.38 -3.63 15.72
C ASN A 86 -26.72 -2.31 16.15
N GLN A 87 -25.85 -1.79 15.31
CA GLN A 87 -25.16 -0.53 15.58
C GLN A 87 -26.10 0.65 15.31
N SER A 88 -25.80 1.79 15.90
CA SER A 88 -26.64 2.97 15.75
C SER A 88 -26.19 3.87 14.59
N GLU A 89 -26.88 4.98 14.43
CA GLU A 89 -26.66 5.89 13.33
C GLU A 89 -25.57 6.94 13.55
N GLY A 90 -25.17 7.14 14.80
CA GLY A 90 -24.14 8.11 15.09
C GLY A 90 -22.71 7.67 14.79
N GLY A 91 -22.49 6.39 14.49
CA GLY A 91 -21.15 5.90 14.28
C GLY A 91 -20.73 5.68 12.85
N SER A 92 -19.48 6.04 12.55
CA SER A 92 -18.94 5.86 11.22
C SER A 92 -18.44 4.43 11.12
N HIS A 93 -18.47 3.88 9.91
CA HIS A 93 -18.05 2.50 9.72
C HIS A 93 -17.43 2.32 8.35
N THR A 94 -16.68 1.23 8.18
CA THR A 94 -15.96 0.94 6.94
C THR A 94 -16.19 -0.48 6.46
N ILE A 95 -16.11 -0.65 5.14
CA ILE A 95 -16.24 -1.94 4.48
C ILE A 95 -15.20 -1.91 3.39
N GLN A 96 -14.34 -2.92 3.38
CA GLN A 96 -13.27 -3.00 2.39
C GLN A 96 -13.36 -4.32 1.69
N GLU A 97 -12.80 -4.39 0.50
CA GLU A 97 -12.80 -5.62 -0.25
C GLU A 97 -11.57 -5.65 -1.09
N MET A 98 -11.22 -6.84 -1.56
CA MET A 98 -10.03 -7.03 -2.34
C MET A 98 -10.30 -8.31 -3.11
N TYR A 99 -10.40 -8.20 -4.43
CA TYR A 99 -10.56 -9.37 -5.29
C TYR A 99 -9.55 -9.24 -6.43
N GLY A 100 -9.18 -10.36 -7.03
CA GLY A 100 -8.20 -10.32 -8.10
C GLY A 100 -7.78 -11.72 -8.47
N CYS A 101 -6.75 -11.80 -9.31
CA CYS A 101 -6.18 -13.07 -9.73
C CYS A 101 -4.67 -12.97 -9.77
N ASP A 102 -4.00 -14.08 -9.48
CA ASP A 102 -2.56 -14.18 -9.64
C ASP A 102 -2.38 -15.13 -10.81
N VAL A 103 -1.51 -14.77 -11.76
CA VAL A 103 -1.30 -15.56 -12.97
C VAL A 103 0.16 -15.84 -13.24
N GLY A 104 0.49 -17.12 -13.37
CA GLY A 104 1.85 -17.51 -13.63
C GLY A 104 2.27 -16.83 -14.91
N SER A 105 3.48 -17.13 -15.37
CA SER A 105 3.97 -16.53 -16.59
C SER A 105 3.63 -17.42 -17.78
N ASP A 106 2.98 -18.54 -17.51
CA ASP A 106 2.56 -19.47 -18.54
C ASP A 106 1.07 -19.28 -18.79
N GLY A 107 0.52 -18.23 -18.19
CA GLY A 107 -0.90 -17.90 -18.34
C GLY A 107 -1.84 -18.68 -17.44
N SER A 108 -1.30 -19.45 -16.50
CA SER A 108 -2.16 -20.24 -15.62
C SER A 108 -2.55 -19.40 -14.41
N LEU A 109 -3.84 -19.44 -14.05
CA LEU A 109 -4.33 -18.78 -12.87
C LEU A 109 -3.73 -19.50 -11.67
N LEU A 110 -2.97 -18.80 -10.83
CA LEU A 110 -2.35 -19.43 -9.68
C LEU A 110 -3.34 -19.46 -8.54
N ARG A 111 -3.91 -18.30 -8.24
CA ARG A 111 -4.90 -18.22 -7.19
C ARG A 111 -5.88 -17.11 -7.45
N GLY A 112 -7.15 -17.38 -7.20
CA GLY A 112 -8.18 -16.36 -7.28
C GLY A 112 -8.69 -16.04 -5.87
N TYR A 113 -9.19 -14.84 -5.65
CA TYR A 113 -9.70 -14.49 -4.33
C TYR A 113 -10.62 -13.29 -4.31
N ARG A 114 -11.39 -13.20 -3.23
CA ARG A 114 -12.29 -12.08 -2.97
C ARG A 114 -12.54 -12.09 -1.45
N GLN A 115 -12.02 -11.09 -0.75
CA GLN A 115 -12.11 -11.06 0.72
C GLN A 115 -12.57 -9.72 1.24
N ASP A 116 -13.28 -9.75 2.39
CA ASP A 116 -13.93 -8.61 3.05
C ASP A 116 -13.38 -8.27 4.44
N ALA A 117 -13.64 -7.04 4.85
CA ALA A 117 -13.31 -6.61 6.18
C ALA A 117 -14.32 -5.54 6.50
N TYR A 118 -14.95 -5.66 7.66
CA TYR A 118 -15.88 -4.64 8.10
C TYR A 118 -15.26 -3.99 9.29
N ASP A 119 -15.03 -2.68 9.21
CA ASP A 119 -14.39 -1.97 10.30
C ASP A 119 -13.01 -2.56 10.56
N GLY A 120 -12.26 -2.83 9.49
CA GLY A 120 -10.90 -3.34 9.61
C GLY A 120 -10.72 -4.78 10.03
N ARG A 121 -11.82 -5.43 10.44
CA ARG A 121 -11.80 -6.84 10.85
C ARG A 121 -12.38 -7.73 9.75
N ASP A 122 -11.72 -8.85 9.47
CA ASP A 122 -12.16 -9.78 8.44
C ASP A 122 -13.65 -10.04 8.56
N TYR A 123 -14.27 -10.39 7.44
CA TYR A 123 -15.71 -10.59 7.42
C TYR A 123 -15.99 -11.89 6.65
N ILE A 124 -15.95 -11.86 5.33
CA ILE A 124 -16.19 -13.09 4.58
C ILE A 124 -15.20 -13.23 3.45
N ALA A 125 -14.82 -14.46 3.13
CA ALA A 125 -13.83 -14.65 2.09
C ALA A 125 -14.08 -15.88 1.27
N LEU A 126 -13.80 -15.77 0.00
CA LEU A 126 -13.99 -16.88 -0.91
C LEU A 126 -12.74 -17.74 -0.87
N ASN A 127 -12.93 -19.01 -0.52
CA ASN A 127 -11.83 -19.94 -0.38
C ASN A 127 -11.12 -20.13 -1.70
N GLU A 128 -9.95 -20.74 -1.62
CA GLU A 128 -9.08 -20.93 -2.78
C GLU A 128 -9.65 -21.85 -3.84
N ASP A 129 -10.62 -22.68 -3.46
CA ASP A 129 -11.27 -23.56 -4.42
C ASP A 129 -12.21 -22.78 -5.31
N LEU A 130 -12.47 -21.53 -4.95
CA LEU A 130 -13.40 -20.69 -5.70
C LEU A 130 -14.82 -21.23 -5.64
N LYS A 131 -15.18 -21.90 -4.53
CA LYS A 131 -16.49 -22.54 -4.36
C LYS A 131 -17.15 -22.35 -3.00
N THR A 132 -16.36 -22.21 -1.94
CA THR A 132 -16.91 -22.09 -0.59
C THR A 132 -16.40 -20.80 0.05
N TRP A 133 -17.09 -20.38 1.11
CA TRP A 133 -16.78 -19.16 1.81
C TRP A 133 -16.30 -19.40 3.26
N THR A 134 -15.47 -18.50 3.77
CA THR A 134 -15.03 -18.54 5.16
C THR A 134 -15.65 -17.33 5.77
N ALA A 135 -16.47 -17.51 6.79
CA ALA A 135 -17.14 -16.40 7.47
C ALA A 135 -16.55 -16.19 8.87
N ALA A 136 -16.17 -14.95 9.22
CA ALA A 136 -15.58 -14.62 10.52
C ALA A 136 -16.51 -14.76 11.72
N ASP A 137 -17.72 -14.24 11.62
CA ASP A 137 -18.70 -14.33 12.70
C ASP A 137 -20.09 -14.64 12.16
N PHE A 138 -21.11 -14.34 12.96
CA PHE A 138 -22.50 -14.60 12.60
C PHE A 138 -22.97 -13.70 11.45
N ALA A 139 -22.71 -12.41 11.54
CA ALA A 139 -23.08 -11.48 10.48
C ALA A 139 -22.62 -12.00 9.11
N ALA A 140 -21.34 -12.32 8.99
CA ALA A 140 -20.78 -12.82 7.73
C ALA A 140 -21.33 -14.19 7.42
N GLN A 141 -21.98 -14.80 8.39
CA GLN A 141 -22.63 -16.09 8.23
C GLN A 141 -23.98 -15.87 7.55
N ILE A 142 -24.65 -14.78 7.93
CA ILE A 142 -25.91 -14.42 7.30
C ILE A 142 -25.63 -14.19 5.83
N THR A 143 -24.62 -13.39 5.54
CA THR A 143 -24.22 -13.08 4.16
C THR A 143 -23.81 -14.32 3.40
N ARG A 144 -23.02 -15.19 4.02
CA ARG A 144 -22.59 -16.40 3.36
C ARG A 144 -23.79 -17.24 2.93
N ASN A 145 -24.83 -17.24 3.76
CA ASN A 145 -26.02 -18.06 3.49
C ASN A 145 -26.78 -17.54 2.28
N LYS A 146 -26.84 -16.22 2.11
CA LYS A 146 -27.50 -15.64 0.95
C LYS A 146 -26.74 -16.00 -0.32
N TRP A 147 -25.40 -15.91 -0.25
CA TRP A 147 -24.55 -16.15 -1.43
C TRP A 147 -24.45 -17.61 -1.86
N GLU A 148 -24.75 -18.54 -0.94
CA GLU A 148 -24.72 -19.95 -1.30
C GLU A 148 -26.02 -20.26 -2.03
N ARG A 149 -27.10 -19.68 -1.53
CA ARG A 149 -28.43 -19.82 -2.10
C ARG A 149 -28.44 -19.31 -3.54
N ALA A 150 -27.86 -18.14 -3.76
CA ALA A 150 -27.77 -17.54 -5.09
C ALA A 150 -26.61 -18.07 -5.95
N ARG A 151 -25.87 -19.04 -5.43
CA ARG A 151 -24.71 -19.60 -6.09
C ARG A 151 -23.73 -18.55 -6.57
N TYR A 152 -23.58 -17.49 -5.80
CA TYR A 152 -22.73 -16.38 -6.16
C TYR A 152 -21.30 -16.78 -6.47
N ALA A 153 -20.78 -17.68 -5.65
CA ALA A 153 -19.43 -18.19 -5.84
C ALA A 153 -19.16 -18.58 -7.30
N GLU A 154 -20.15 -19.16 -7.96
CA GLU A 154 -19.95 -19.62 -9.34
C GLU A 154 -19.65 -18.46 -10.30
N ARG A 155 -20.14 -17.27 -9.99
CA ARG A 155 -19.91 -16.10 -10.84
C ARG A 155 -18.50 -15.51 -10.64
N LEU A 156 -18.10 -15.38 -9.40
CA LEU A 156 -16.76 -14.91 -9.11
C LEU A 156 -15.77 -15.84 -9.78
N ARG A 157 -15.99 -17.12 -9.58
CA ARG A 157 -15.14 -18.14 -10.19
C ARG A 157 -15.02 -17.97 -11.68
N ALA A 158 -16.14 -17.76 -12.36
CA ALA A 158 -16.08 -17.60 -13.79
C ALA A 158 -15.23 -16.39 -14.14
N TYR A 159 -15.43 -15.31 -13.38
CA TYR A 159 -14.71 -14.06 -13.57
C TYR A 159 -13.20 -14.27 -13.41
N LEU A 160 -12.82 -14.72 -12.23
CA LEU A 160 -11.44 -14.96 -11.87
C LEU A 160 -10.72 -15.85 -12.85
N GLU A 161 -11.40 -16.87 -13.38
CA GLU A 161 -10.78 -17.81 -14.32
C GLU A 161 -10.78 -17.30 -15.76
N GLY A 162 -11.46 -16.21 -16.06
CA GLY A 162 -11.52 -15.76 -17.44
C GLY A 162 -11.24 -14.30 -17.66
N THR A 163 -12.19 -13.46 -17.32
CA THR A 163 -12.03 -12.03 -17.49
C THR A 163 -10.83 -11.49 -16.69
N CYS A 164 -10.67 -11.93 -15.45
CA CYS A 164 -9.57 -11.41 -14.65
C CYS A 164 -8.22 -11.69 -15.32
N VAL A 165 -8.10 -12.91 -15.83
CA VAL A 165 -6.85 -13.38 -16.42
C VAL A 165 -6.55 -12.79 -17.77
N GLU A 166 -7.60 -12.48 -18.50
CA GLU A 166 -7.50 -11.97 -19.85
C GLU A 166 -7.09 -10.52 -19.81
N TRP A 167 -7.68 -9.77 -18.90
CA TRP A 167 -7.37 -8.36 -18.77
C TRP A 167 -6.02 -8.13 -18.11
N LEU A 168 -5.65 -8.99 -17.17
CA LEU A 168 -4.31 -8.88 -16.59
C LEU A 168 -3.33 -8.94 -17.77
N SER A 169 -3.56 -9.89 -18.67
CA SER A 169 -2.71 -10.04 -19.85
C SER A 169 -2.69 -8.79 -20.71
N ARG A 170 -3.87 -8.25 -20.96
CA ARG A 170 -3.94 -7.04 -21.75
C ARG A 170 -3.16 -5.91 -21.09
N TYR A 171 -3.32 -5.75 -19.78
CA TYR A 171 -2.65 -4.67 -19.06
C TYR A 171 -1.14 -4.81 -19.07
N LEU A 172 -0.65 -6.05 -19.10
CA LEU A 172 0.79 -6.26 -19.12
C LEU A 172 1.36 -5.68 -20.38
N GLU A 173 0.72 -5.98 -21.51
CA GLU A 173 1.18 -5.50 -22.79
C GLU A 173 1.15 -3.99 -22.84
N LEU A 174 -0.01 -3.41 -22.57
CA LEU A 174 -0.15 -1.96 -22.60
C LEU A 174 1.03 -1.27 -21.90
N GLY A 175 1.40 -1.76 -20.72
CA GLY A 175 2.47 -1.13 -19.95
C GLY A 175 3.75 -1.92 -19.68
N LYS A 176 4.18 -2.77 -20.61
CA LYS A 176 5.40 -3.56 -20.39
C LYS A 176 6.61 -2.69 -20.14
N GLU A 177 6.61 -1.50 -20.72
CA GLU A 177 7.71 -0.56 -20.58
C GLU A 177 8.00 -0.23 -19.12
N THR A 178 6.96 -0.07 -18.32
CA THR A 178 7.14 0.30 -16.92
C THR A 178 6.85 -0.84 -15.94
N LEU A 179 5.91 -1.71 -16.30
CA LEU A 179 5.53 -2.83 -15.44
C LEU A 179 6.55 -3.96 -15.44
N LEU A 180 7.18 -4.24 -16.58
CA LEU A 180 8.12 -5.35 -16.66
C LEU A 180 9.56 -4.89 -16.81
N ARG A 181 9.85 -3.71 -16.27
CA ARG A 181 11.18 -3.14 -16.40
C ARG A 181 11.91 -3.16 -15.05
N SER A 182 13.10 -3.77 -15.04
CA SER A 182 13.90 -3.90 -13.82
C SER A 182 14.70 -2.65 -13.49
N ASP A 183 14.43 -2.08 -12.31
CA ASP A 183 15.15 -0.91 -11.79
C ASP A 183 15.94 -1.31 -10.54
N PRO A 184 17.25 -1.46 -10.68
CA PRO A 184 18.15 -1.91 -9.61
C PRO A 184 18.32 -0.99 -8.40
N PRO A 185 18.78 -1.57 -7.30
CA PRO A 185 19.06 -0.85 -6.06
C PRO A 185 20.43 -0.22 -5.93
N GLU A 186 20.51 1.01 -5.43
CA GLU A 186 21.78 1.59 -5.02
C GLU A 186 21.88 1.27 -3.53
N ALA A 187 23.00 0.67 -3.12
CA ALA A 187 23.20 0.22 -1.73
C ALA A 187 24.36 0.87 -0.99
N HIS A 188 24.09 1.39 0.20
CA HIS A 188 25.15 1.96 1.01
C HIS A 188 24.94 1.70 2.51
N VAL A 189 26.02 1.77 3.27
CA VAL A 189 26.00 1.49 4.71
C VAL A 189 26.40 2.73 5.54
N THR A 190 25.60 3.03 6.55
CA THR A 190 25.89 4.14 7.44
C THR A 190 26.17 3.61 8.84
N LEU A 191 26.87 4.40 9.65
CA LEU A 191 27.24 4.05 11.03
C LEU A 191 26.68 5.10 11.99
N HIS A 192 25.89 4.67 12.96
CA HIS A 192 25.37 5.54 14.01
C HIS A 192 25.75 4.98 15.38
N PRO A 193 26.74 5.58 16.03
CA PRO A 193 27.23 5.06 17.31
C PRO A 193 26.18 5.16 18.40
N ARG A 194 26.12 4.11 19.22
CA ARG A 194 25.19 4.06 20.33
C ARG A 194 25.86 4.60 21.58
N PRO A 195 25.07 5.09 22.51
CA PRO A 195 25.66 5.54 23.77
C PRO A 195 26.04 4.35 24.63
N GLU A 196 25.64 3.15 24.20
CA GLU A 196 25.93 1.91 24.92
C GLU A 196 27.40 1.51 24.72
N GLY A 197 28.05 2.14 23.75
CA GLY A 197 29.45 1.86 23.48
C GLY A 197 29.66 1.15 22.16
N ASP A 198 28.61 0.53 21.63
CA ASP A 198 28.69 -0.18 20.35
C ASP A 198 28.10 0.68 19.24
N VAL A 199 27.91 0.10 18.05
CA VAL A 199 27.43 0.85 16.89
C VAL A 199 26.36 0.13 16.10
N THR A 200 25.44 0.92 15.56
CA THR A 200 24.42 0.42 14.64
C THR A 200 24.87 0.58 13.19
N LEU A 201 24.93 -0.53 12.46
CA LEU A 201 25.23 -0.47 11.02
C LEU A 201 23.91 -0.45 10.27
N ARG A 202 23.73 0.52 9.39
CA ARG A 202 22.49 0.58 8.64
C ARG A 202 22.72 0.42 7.15
N CYS A 203 21.97 -0.50 6.55
CA CYS A 203 22.09 -0.80 5.14
C CYS A 203 20.87 -0.26 4.41
N TRP A 204 21.08 0.55 3.38
CA TRP A 204 19.95 1.07 2.64
C TRP A 204 19.95 0.64 1.18
N ALA A 205 18.77 0.31 0.66
CA ALA A 205 18.60 0.01 -0.75
C ALA A 205 17.78 1.16 -1.30
N LEU A 206 18.30 1.91 -2.27
CA LEU A 206 17.59 3.08 -2.81
C LEU A 206 17.23 2.94 -4.29
N GLY A 207 16.17 3.63 -4.69
CA GLY A 207 15.68 3.66 -6.05
C GLY A 207 15.54 2.33 -6.77
N PHE A 208 14.84 1.37 -6.16
CA PHE A 208 14.68 0.06 -6.79
C PHE A 208 13.24 -0.20 -7.19
N TYR A 209 13.07 -1.12 -8.12
CA TYR A 209 11.75 -1.50 -8.56
C TYR A 209 11.88 -2.88 -9.18
N PRO A 210 10.92 -3.77 -8.95
CA PRO A 210 9.67 -3.55 -8.20
C PRO A 210 9.76 -3.04 -6.76
N ALA A 211 9.74 -3.94 -5.79
CA ALA A 211 9.76 -3.56 -4.39
C ALA A 211 10.17 -4.79 -3.63
N ASP A 212 10.00 -5.94 -4.28
CA ASP A 212 10.43 -7.18 -3.71
C ASP A 212 11.94 -7.13 -3.71
N ILE A 213 12.49 -7.28 -2.53
CA ILE A 213 13.92 -7.20 -2.35
C ILE A 213 14.23 -7.89 -1.03
N THR A 214 15.47 -8.33 -0.88
CA THR A 214 15.88 -8.97 0.35
C THR A 214 17.20 -8.38 0.83
N LEU A 215 17.15 -7.72 1.98
CA LEU A 215 18.34 -7.20 2.65
C LEU A 215 18.76 -8.18 3.72
N THR A 216 20.03 -8.60 3.71
CA THR A 216 20.54 -9.54 4.70
C THR A 216 21.89 -9.18 5.28
N TRP A 217 21.90 -8.80 6.55
CA TRP A 217 23.14 -8.54 7.26
C TRP A 217 23.73 -9.90 7.67
N GLN A 218 24.95 -10.18 7.26
CA GLN A 218 25.57 -11.48 7.59
C GLN A 218 26.90 -11.27 8.29
N LEU A 219 27.28 -12.24 9.10
CA LEU A 219 28.53 -12.15 9.82
C LEU A 219 29.46 -13.29 9.45
N ASN A 220 30.64 -12.94 8.96
CA ASN A 220 31.66 -13.93 8.56
C ASN A 220 31.20 -14.85 7.43
N GLY A 221 30.00 -14.63 6.91
CA GLY A 221 29.49 -15.45 5.82
C GLY A 221 28.26 -16.25 6.18
N GLU A 222 27.65 -15.91 7.31
CA GLU A 222 26.44 -16.59 7.76
C GLU A 222 25.36 -15.58 8.21
N ASP A 223 24.12 -15.86 7.79
CA ASP A 223 22.91 -15.07 8.06
C ASP A 223 22.69 -14.55 9.49
N LEU A 224 21.85 -13.51 9.61
CA LEU A 224 21.51 -12.87 10.89
C LEU A 224 20.16 -12.12 10.85
N THR A 225 19.03 -12.83 10.82
CA THR A 225 17.70 -12.17 10.70
C THR A 225 16.75 -12.19 11.92
N GLN A 226 17.08 -12.88 13.02
CA GLN A 226 16.18 -12.88 14.19
C GLN A 226 16.45 -11.64 15.03
N ASP A 227 17.51 -10.93 14.65
CA ASP A 227 17.99 -9.78 15.38
C ASP A 227 18.45 -8.72 14.39
N MET A 228 17.61 -8.42 13.41
CA MET A 228 17.94 -7.44 12.39
C MET A 228 16.73 -6.52 12.27
N GLU A 229 16.92 -5.25 12.58
CA GLU A 229 15.82 -4.29 12.55
C GLU A 229 15.47 -3.89 11.13
N LEU A 230 14.20 -3.62 10.88
CA LEU A 230 13.74 -3.26 9.53
C LEU A 230 12.69 -2.17 9.52
N VAL A 231 12.60 -1.50 8.38
CA VAL A 231 11.54 -0.54 8.16
C VAL A 231 10.75 -1.12 7.02
N GLU A 232 9.49 -0.75 6.96
CA GLU A 232 8.64 -1.23 5.88
C GLU A 232 9.10 -0.45 4.66
N THR A 233 9.28 -1.16 3.56
CA THR A 233 9.65 -0.52 2.31
C THR A 233 8.81 0.74 2.15
N ARG A 234 9.45 1.85 1.81
CA ARG A 234 8.71 3.09 1.61
C ARG A 234 8.87 3.62 0.19
N PRO A 235 7.87 4.34 -0.29
CA PRO A 235 7.91 4.91 -1.63
C PRO A 235 8.79 6.15 -1.66
N ALA A 236 9.72 6.17 -2.60
CA ALA A 236 10.63 7.28 -2.77
C ALA A 236 9.89 8.53 -3.27
N GLY A 237 8.79 8.31 -3.99
CA GLY A 237 7.99 9.41 -4.49
C GLY A 237 8.06 9.60 -5.98
N ASP A 238 9.00 8.91 -6.63
CA ASP A 238 9.19 9.01 -8.05
C ASP A 238 8.88 7.68 -8.71
N GLY A 239 8.31 6.77 -7.94
CA GLY A 239 7.97 5.46 -8.45
C GLY A 239 8.98 4.39 -8.09
N THR A 240 10.03 4.73 -7.35
CA THR A 240 10.99 3.73 -6.89
C THR A 240 10.68 3.39 -5.44
N PHE A 241 11.35 2.36 -4.92
CA PHE A 241 11.18 1.99 -3.52
C PHE A 241 12.51 2.08 -2.79
N GLN A 242 12.46 2.15 -1.47
CA GLN A 242 13.68 2.16 -0.66
C GLN A 242 13.44 1.53 0.70
N LYS A 243 14.50 0.96 1.26
CA LYS A 243 14.41 0.28 2.54
C LYS A 243 15.77 0.20 3.22
N TRP A 244 15.76 0.11 4.54
CA TRP A 244 17.01 -0.04 5.27
C TRP A 244 16.89 -1.20 6.26
N ALA A 245 18.03 -1.82 6.54
CA ALA A 245 18.11 -2.94 7.47
C ALA A 245 19.28 -2.66 8.39
N SER A 246 19.11 -2.83 9.68
CA SER A 246 20.21 -2.55 10.62
C SER A 246 20.47 -3.65 11.64
N VAL A 247 21.73 -3.77 12.04
CA VAL A 247 22.17 -4.67 13.12
C VAL A 247 23.07 -3.91 14.08
N VAL A 248 23.04 -4.26 15.36
CA VAL A 248 23.94 -3.63 16.33
C VAL A 248 25.22 -4.46 16.37
N VAL A 249 26.33 -3.77 16.23
CA VAL A 249 27.63 -4.41 16.14
C VAL A 249 28.59 -3.81 17.15
N PRO A 250 29.53 -4.62 17.63
CA PRO A 250 30.56 -4.15 18.56
C PRO A 250 31.68 -3.39 17.86
N LEU A 251 32.08 -2.29 18.48
CA LEU A 251 33.12 -1.42 17.95
C LEU A 251 34.38 -2.23 17.72
N GLY A 252 34.91 -2.11 16.51
CA GLY A 252 36.11 -2.81 16.15
C GLY A 252 35.84 -3.97 15.22
N LYS A 253 34.55 -4.32 15.09
CA LYS A 253 34.11 -5.43 14.24
C LYS A 253 33.34 -4.96 13.00
N GLU A 254 33.08 -3.66 12.91
CA GLU A 254 32.35 -3.13 11.76
C GLU A 254 32.66 -3.85 10.45
N GLN A 255 33.95 -4.01 10.14
CA GLN A 255 34.36 -4.57 8.86
C GLN A 255 34.06 -6.06 8.68
N ASN A 256 33.55 -6.71 9.71
CA ASN A 256 33.29 -8.14 9.61
C ASN A 256 31.85 -8.43 9.22
N TYR A 257 31.09 -7.37 8.96
CA TYR A 257 29.69 -7.49 8.61
C TYR A 257 29.44 -7.00 7.21
N THR A 258 28.70 -7.77 6.42
CA THR A 258 28.31 -7.37 5.07
C THR A 258 26.80 -7.40 4.91
N CYS A 259 26.29 -6.61 3.97
CA CYS A 259 24.87 -6.56 3.69
C CYS A 259 24.62 -7.08 2.29
N ARG A 260 23.86 -8.16 2.17
CA ARG A 260 23.54 -8.73 0.86
C ARG A 260 22.17 -8.24 0.40
N VAL A 261 22.16 -7.57 -0.74
CA VAL A 261 20.93 -7.07 -1.34
C VAL A 261 20.61 -7.85 -2.59
N GLU A 262 19.50 -8.57 -2.58
CA GLU A 262 19.09 -9.35 -3.73
C GLU A 262 17.91 -8.66 -4.39
N HIS A 263 17.96 -8.57 -5.71
CA HIS A 263 16.91 -7.91 -6.46
C HIS A 263 16.96 -8.29 -7.93
N GLU A 264 15.79 -8.36 -8.54
CA GLU A 264 15.67 -8.73 -9.95
C GLU A 264 16.58 -7.89 -10.83
N GLY A 265 16.80 -6.64 -10.46
CA GLY A 265 17.62 -5.74 -11.26
C GLY A 265 19.11 -6.03 -11.20
N LEU A 266 19.55 -6.79 -10.20
CA LEU A 266 20.97 -7.05 -10.02
C LEU A 266 21.34 -8.38 -10.66
N PRO A 267 22.43 -8.42 -11.42
CA PRO A 267 22.84 -9.66 -12.07
C PRO A 267 23.26 -10.64 -10.98
N LYS A 268 24.17 -10.17 -10.13
CA LYS A 268 24.64 -10.90 -8.98
C LYS A 268 24.29 -10.04 -7.76
N PRO A 269 24.03 -10.66 -6.63
CA PRO A 269 23.68 -9.95 -5.39
C PRO A 269 24.75 -8.95 -4.93
N LEU A 270 24.32 -7.94 -4.18
CA LEU A 270 25.23 -6.90 -3.72
C LEU A 270 25.82 -7.19 -2.34
N SER A 271 27.13 -6.96 -2.22
CA SER A 271 27.84 -7.10 -0.96
C SER A 271 28.30 -5.71 -0.55
N GLN A 272 27.70 -5.18 0.50
CA GLN A 272 28.02 -3.83 0.91
C GLN A 272 28.41 -3.77 2.37
N ARG A 273 29.54 -3.12 2.63
CA ARG A 273 30.03 -2.92 3.98
C ARG A 273 30.10 -1.44 4.35
N TRP A 274 30.61 -1.20 5.56
CA TRP A 274 30.82 0.13 6.11
C TRP A 274 32.09 0.65 5.49
N GLU A 275 32.11 1.93 5.17
CA GLU A 275 33.25 2.52 4.50
C GLU A 275 33.44 3.94 5.01
N PRO A 276 34.24 4.05 6.06
CA PRO A 276 34.48 5.30 6.78
C PRO A 276 35.16 6.37 5.96
N LEU A 277 36.08 5.98 5.09
CA LEU A 277 36.89 6.91 4.29
C LEU A 277 38.03 7.48 5.11
N ILE B 2 -9.94 -1.98 17.76
CA ILE B 2 -10.42 -2.04 16.34
C ILE B 2 -9.97 -0.79 15.61
N GLN B 3 -8.98 -0.12 16.19
CA GLN B 3 -8.32 1.01 15.57
C GLN B 3 -6.80 0.87 15.68
N LYS B 4 -6.11 0.91 14.54
CA LYS B 4 -4.65 0.80 14.51
C LYS B 4 -3.97 2.16 14.34
N THR B 5 -3.05 2.49 15.25
CA THR B 5 -2.31 3.75 15.24
C THR B 5 -1.27 3.80 14.14
N PRO B 6 -1.19 4.92 13.43
CA PRO B 6 -0.27 5.11 12.31
C PRO B 6 1.23 5.02 12.58
N GLN B 7 1.95 4.69 11.50
CA GLN B 7 3.40 4.55 11.53
C GLN B 7 4.02 5.62 10.65
N ILE B 8 4.50 6.69 11.28
CA ILE B 8 5.14 7.78 10.54
C ILE B 8 6.58 7.50 10.16
N GLN B 9 6.95 7.93 8.96
CA GLN B 9 8.30 7.81 8.46
C GLN B 9 8.60 9.05 7.62
N VAL B 10 9.39 9.94 8.20
CA VAL B 10 9.76 11.16 7.50
C VAL B 10 11.15 11.01 6.92
N TYR B 11 11.29 11.23 5.63
CA TYR B 11 12.60 11.09 4.99
C TYR B 11 12.74 11.95 3.75
N SER B 12 13.73 11.63 2.93
CA SER B 12 14.02 12.39 1.74
C SER B 12 14.19 11.46 0.54
N ARG B 13 13.72 11.91 -0.63
CA ARG B 13 13.78 11.13 -1.85
C ARG B 13 15.22 10.74 -2.13
N HIS B 14 16.05 11.76 -2.36
CA HIS B 14 17.47 11.59 -2.61
C HIS B 14 18.24 11.98 -1.35
N PRO B 15 19.37 11.32 -1.09
CA PRO B 15 20.17 11.57 0.10
C PRO B 15 20.34 13.04 0.47
N PRO B 16 20.36 13.31 1.77
CA PRO B 16 20.61 14.65 2.30
C PRO B 16 21.93 15.30 1.86
N GLU B 17 21.80 16.49 1.28
CA GLU B 17 22.95 17.35 0.97
C GLU B 17 22.46 18.75 0.67
N ASN B 18 22.50 19.57 1.72
CA ASN B 18 22.03 20.95 1.75
C ASN B 18 22.45 21.85 0.62
N GLY B 19 21.69 21.79 -0.46
CA GLY B 19 21.93 22.56 -1.65
C GLY B 19 21.13 21.81 -2.69
N LYS B 20 21.74 20.79 -3.30
CA LYS B 20 21.06 19.95 -4.28
C LYS B 20 19.63 19.75 -3.80
N PRO B 21 18.72 20.63 -4.23
CA PRO B 21 17.34 20.55 -3.76
C PRO B 21 16.73 19.21 -4.13
N ASN B 22 15.92 18.66 -3.23
CA ASN B 22 15.29 17.37 -3.49
C ASN B 22 13.89 17.36 -2.86
N PHE B 23 13.46 16.23 -2.31
CA PHE B 23 12.10 16.13 -1.79
C PHE B 23 11.97 15.63 -0.37
N LEU B 24 10.91 16.09 0.30
CA LEU B 24 10.61 15.72 1.69
C LEU B 24 9.40 14.78 1.74
N ASN B 25 9.60 13.54 2.18
CA ASN B 25 8.53 12.57 2.26
C ASN B 25 8.15 12.19 3.68
N CYS B 26 6.85 12.06 3.91
CA CYS B 26 6.31 11.63 5.19
C CYS B 26 5.36 10.49 4.85
N TYR B 27 5.76 9.26 5.17
CA TYR B 27 4.99 8.08 4.83
C TYR B 27 4.23 7.53 6.03
N VAL B 28 2.93 7.77 6.07
CA VAL B 28 2.10 7.27 7.15
C VAL B 28 1.47 5.98 6.64
N SER B 29 1.49 4.94 7.45
CA SER B 29 0.97 3.65 7.04
C SER B 29 0.37 2.91 8.23
N GLN B 30 -0.23 1.75 7.93
CA GLN B 30 -0.81 0.84 8.91
C GLN B 30 -1.86 1.43 9.83
N PHE B 31 -2.54 2.48 9.42
CA PHE B 31 -3.56 3.06 10.28
C PHE B 31 -4.97 2.62 9.92
N HIS B 32 -5.92 2.93 10.79
CA HIS B 32 -7.30 2.60 10.59
C HIS B 32 -8.01 3.17 11.79
N PRO B 33 -9.11 3.89 11.62
CA PRO B 33 -9.77 4.18 10.34
C PRO B 33 -8.97 5.04 9.35
N PRO B 34 -9.52 5.19 8.14
CA PRO B 34 -8.85 5.87 7.03
C PRO B 34 -8.63 7.36 7.23
N GLN B 35 -9.56 8.01 7.92
CA GLN B 35 -9.45 9.44 8.20
C GLN B 35 -8.23 9.73 9.05
N ILE B 36 -7.34 10.55 8.52
CA ILE B 36 -6.11 10.93 9.17
C ILE B 36 -5.79 12.33 8.66
N GLU B 37 -5.13 13.14 9.49
CA GLU B 37 -4.72 14.48 9.09
C GLU B 37 -3.20 14.52 9.06
N ILE B 38 -2.63 15.05 7.97
CA ILE B 38 -1.18 15.08 7.78
C ILE B 38 -0.66 16.41 7.26
N GLU B 39 0.21 17.06 8.02
CA GLU B 39 0.79 18.31 7.57
C GLU B 39 2.30 18.31 7.79
N LEU B 40 3.05 18.89 6.85
CA LEU B 40 4.49 18.97 6.96
C LEU B 40 4.85 20.31 7.65
N LEU B 41 5.93 20.34 8.43
CA LEU B 41 6.32 21.55 9.15
C LEU B 41 7.77 22.02 8.93
N LYS B 42 7.96 23.32 8.70
CA LYS B 42 9.30 23.92 8.64
C LYS B 42 9.47 24.79 9.88
N ASN B 43 10.41 24.42 10.73
CA ASN B 43 10.73 25.16 11.95
C ASN B 43 9.54 25.49 12.89
N GLY B 44 8.37 24.91 12.63
CA GLY B 44 7.22 25.09 13.51
C GLY B 44 5.91 25.45 12.83
N LYS B 45 5.99 26.00 11.62
CA LYS B 45 4.79 26.36 10.88
C LYS B 45 4.64 25.51 9.65
N LYS B 46 3.42 25.03 9.45
CA LYS B 46 3.11 24.17 8.32
C LYS B 46 3.58 24.74 7.02
N ILE B 47 3.80 23.83 6.09
CA ILE B 47 4.18 24.18 4.75
C ILE B 47 2.85 24.33 3.99
N PRO B 48 2.70 25.47 3.34
CA PRO B 48 1.46 25.92 2.68
C PRO B 48 0.71 24.93 1.78
N ASN B 49 1.29 24.57 0.64
CA ASN B 49 0.63 23.67 -0.29
C ASN B 49 1.37 22.37 -0.42
N ILE B 50 0.98 21.41 0.41
CA ILE B 50 1.56 20.09 0.35
C ILE B 50 0.81 19.32 -0.71
N GLU B 51 1.51 18.38 -1.34
CA GLU B 51 0.89 17.48 -2.27
C GLU B 51 0.86 16.14 -1.56
N MET B 52 -0.26 15.44 -1.66
CA MET B 52 -0.38 14.13 -1.06
C MET B 52 -0.95 13.16 -2.07
N SER B 53 -0.44 11.94 -2.04
CA SER B 53 -0.97 10.91 -2.90
C SER B 53 -2.41 10.70 -2.47
N ASP B 54 -3.07 9.73 -3.07
CA ASP B 54 -4.44 9.44 -2.67
C ASP B 54 -4.44 8.19 -1.83
N LEU B 55 -5.36 8.16 -0.88
CA LEU B 55 -5.53 7.03 0.02
C LEU B 55 -5.36 5.71 -0.72
N SER B 56 -5.01 4.65 0.01
CA SER B 56 -4.83 3.33 -0.54
C SER B 56 -4.83 2.45 0.68
N PHE B 57 -4.70 1.14 0.52
CA PHE B 57 -4.61 0.28 1.70
C PHE B 57 -3.99 -1.06 1.39
N SER B 58 -3.34 -1.61 2.41
CA SER B 58 -2.60 -2.86 2.33
C SER B 58 -3.52 -4.06 2.51
N LYS B 59 -3.00 -5.24 2.16
CA LYS B 59 -3.77 -6.48 2.25
C LYS B 59 -4.35 -6.70 3.64
N ASP B 60 -3.71 -6.15 4.66
CA ASP B 60 -4.16 -6.34 6.03
C ASP B 60 -5.24 -5.33 6.42
N TRP B 61 -5.83 -4.68 5.43
CA TRP B 61 -6.92 -3.71 5.63
C TRP B 61 -6.41 -2.40 6.18
N SER B 62 -5.10 -2.17 6.12
CA SER B 62 -4.51 -0.95 6.67
C SER B 62 -4.33 0.11 5.61
N PHE B 63 -4.53 1.36 6.00
CA PHE B 63 -4.39 2.45 5.05
C PHE B 63 -2.97 2.97 5.05
N TYR B 64 -2.60 3.61 3.95
CA TYR B 64 -1.28 4.22 3.82
C TYR B 64 -1.37 5.37 2.84
N ILE B 65 -0.43 6.30 2.97
CA ILE B 65 -0.48 7.50 2.17
C ILE B 65 0.85 8.23 2.29
N LEU B 66 1.26 8.90 1.23
CA LEU B 66 2.55 9.58 1.26
C LEU B 66 2.46 11.09 1.09
N ALA B 67 2.57 11.81 2.20
CA ALA B 67 2.57 13.26 2.15
C ALA B 67 3.94 13.71 1.65
N HIS B 68 4.01 14.82 0.92
CA HIS B 68 5.30 15.27 0.38
C HIS B 68 5.28 16.67 -0.22
N THR B 69 6.48 17.17 -0.50
CA THR B 69 6.66 18.50 -1.05
C THR B 69 8.14 18.75 -1.32
N GLU B 70 8.42 19.67 -2.24
CA GLU B 70 9.80 20.00 -2.58
C GLU B 70 10.44 20.82 -1.45
N PHE B 71 11.76 20.82 -1.41
CA PHE B 71 12.46 21.58 -0.39
C PHE B 71 13.98 21.50 -0.56
N THR B 72 14.68 22.34 0.18
CA THR B 72 16.14 22.33 0.19
C THR B 72 16.68 22.33 1.60
N PRO B 73 17.13 21.18 2.05
CA PRO B 73 17.78 21.02 3.34
C PRO B 73 18.82 22.04 3.69
N THR B 74 18.92 22.27 4.98
CA THR B 74 19.96 23.14 5.46
C THR B 74 20.59 22.58 6.71
N GLU B 75 21.44 23.40 7.30
CA GLU B 75 22.06 23.09 8.57
C GLU B 75 21.17 23.59 9.75
N THR B 76 20.55 24.78 9.64
CA THR B 76 19.74 25.37 10.74
C THR B 76 18.21 25.19 10.64
N ASP B 77 17.74 24.51 9.61
CA ASP B 77 16.32 24.28 9.43
C ASP B 77 16.00 22.80 9.68
N VAL B 78 14.94 22.54 10.43
CA VAL B 78 14.51 21.17 10.68
C VAL B 78 13.03 21.02 10.30
N TYR B 79 12.71 19.93 9.61
CA TYR B 79 11.35 19.66 9.18
C TYR B 79 10.71 18.57 10.01
N ALA B 80 9.40 18.66 10.21
CA ALA B 80 8.68 17.63 10.94
C ALA B 80 7.38 17.29 10.23
N CYS B 81 6.77 16.20 10.67
CA CYS B 81 5.50 15.76 10.11
C CYS B 81 4.47 15.72 11.22
N ARG B 82 3.46 16.57 11.09
CA ARG B 82 2.38 16.61 12.06
C ARG B 82 1.33 15.66 11.54
N VAL B 83 0.68 14.93 12.45
CA VAL B 83 -0.36 13.99 12.05
C VAL B 83 -1.41 13.83 13.14
N LYS B 84 -2.66 13.81 12.74
CA LYS B 84 -3.77 13.63 13.65
C LYS B 84 -4.54 12.41 13.18
N HIS B 85 -5.07 11.64 14.13
CA HIS B 85 -5.80 10.44 13.80
C HIS B 85 -6.72 10.20 14.97
N VAL B 86 -7.75 9.39 14.79
CA VAL B 86 -8.66 9.13 15.88
C VAL B 86 -7.94 8.28 16.95
N THR B 87 -6.84 7.63 16.56
CA THR B 87 -6.04 6.76 17.45
C THR B 87 -4.93 7.50 18.11
N LEU B 88 -4.58 8.64 17.55
CA LEU B 88 -3.46 9.35 18.11
C LEU B 88 -3.82 9.98 19.43
N LYS B 89 -3.36 9.34 20.49
CA LYS B 89 -3.58 9.85 21.82
C LYS B 89 -2.89 11.21 21.76
N GLU B 90 -1.69 11.16 21.19
CA GLU B 90 -0.81 12.30 21.03
C GLU B 90 -0.66 12.75 19.56
N PRO B 91 -1.34 13.85 19.24
CA PRO B 91 -1.31 14.62 17.97
C PRO B 91 0.06 14.73 17.30
N LYS B 92 0.73 13.60 17.49
CA LYS B 92 2.06 13.25 17.06
C LYS B 92 2.73 13.97 15.92
N THR B 93 3.66 14.83 16.32
CA THR B 93 4.55 15.48 15.40
C THR B 93 5.80 14.61 15.40
N VAL B 94 6.42 14.43 14.24
CA VAL B 94 7.67 13.70 14.16
C VAL B 94 8.67 14.49 13.34
N THR B 95 9.94 14.45 13.76
CA THR B 95 11.01 15.19 13.13
C THR B 95 11.86 14.35 12.21
N TRP B 96 12.26 14.99 11.12
CA TRP B 96 13.03 14.39 10.07
C TRP B 96 14.46 14.23 10.48
N ASP B 97 14.81 13.00 10.79
CA ASP B 97 16.15 12.67 11.15
C ASP B 97 16.86 12.23 9.87
N ARG B 98 17.85 13.00 9.43
CA ARG B 98 18.57 12.68 8.20
C ARG B 98 19.52 11.52 8.43
N ASP B 99 18.97 10.45 8.99
CA ASP B 99 19.74 9.28 9.36
C ASP B 99 18.89 8.02 9.28
N MET B 100 17.57 8.20 9.22
CA MET B 100 16.68 7.07 9.11
C MET B 100 15.72 7.29 7.94
N ALA C 1 -10.16 -4.81 -15.87
CA ALA C 1 -11.65 -4.84 -16.00
C ALA C 1 -12.28 -5.54 -14.79
N GLN C 2 -13.06 -4.77 -14.03
CA GLN C 2 -13.83 -5.23 -12.87
C GLN C 2 -14.83 -6.38 -13.02
N PHE C 3 -15.27 -6.88 -11.88
CA PHE C 3 -16.29 -7.92 -11.81
C PHE C 3 -17.59 -7.13 -11.73
N SER C 4 -18.63 -7.54 -12.47
CA SER C 4 -19.86 -6.75 -12.54
C SER C 4 -21.13 -7.38 -11.96
N ALA C 5 -21.15 -8.70 -11.82
CA ALA C 5 -22.35 -9.42 -11.38
C ALA C 5 -22.33 -9.51 -9.88
N SER C 6 -22.29 -8.36 -9.23
CA SER C 6 -22.15 -8.30 -7.80
C SER C 6 -23.39 -8.80 -7.12
N ALA C 7 -23.30 -8.83 -5.80
CA ALA C 7 -24.38 -9.27 -4.96
C ALA C 7 -24.16 -8.54 -3.67
N SER C 8 -25.22 -8.36 -2.90
CA SER C 8 -25.16 -7.60 -1.68
C SER C 8 -24.94 -8.51 -0.48
N ARG C 9 -24.62 -7.89 0.65
CA ARG C 9 -24.28 -8.61 1.88
C ARG C 9 -25.45 -8.75 2.79
#